data_8WX5
#
_entry.id   8WX5
#
_cell.length_a   1.00
_cell.length_b   1.00
_cell.length_c   1.00
_cell.angle_alpha   90.00
_cell.angle_beta   90.00
_cell.angle_gamma   90.00
#
_symmetry.space_group_name_H-M   'P 1'
#
loop_
_entity.id
_entity.type
_entity.pdbx_description
1 polymer 'Solute carrier family 15 member 4'
2 polymer 'TASL (TASL-SLC15A4 fusion protein)'
#
loop_
_entity_poly.entity_id
_entity_poly.type
_entity_poly.pdbx_seq_one_letter_code
_entity_poly.pdbx_strand_id
1 'polypeptide(L)'
;MEGSGGGAGERAPLLGARRAAAAAAAAGAFAGRRAACGAVLLTELLERAAFYGITSNLVLFLNGAPFCWEGAQASEALLL
FMGLTYLGSPFGGWLADARLGRARAILLSLALYLLGMLAFPLLAAPATRAALCGSARLLNCTAPGPDAAARCCSPATFAG
LVLVGLGVATVKANITPFGADQVKDRGPEATRRFFNWFYWSINLGAILSLGGIAYIQQNVSFVTGYAIPTVCVGLAFVVF
LCGQSVFITKPPDGSAFTDMFKILTYSCCSQKRSGERQSNGEGIGVFQQSSKQSLFDSCKMSHGGPFTEEKVEDVKALVK
IVPVFLALIPYWTVYFQMQTTYVLQSLHLRIPEISNITTTPHTLPAAWLTMFDAVLILLLIPLKDKLVDPILRRHGLLPS
SLKRIAVGMFFVMCSAFAAGILESKRLNLVKEKTINQTIGNVVYHAADLSLWWQVPQYLLIGISEIFASIAGLEFAYSAA
PKSMQSAIMGLFFFFSGVGSFVGSGLLALVSIKAIGWMSSHTDFGNINGCYLNYYFFLLAAIQGATLLLFLIISVKYDHH
RDHQRSRANGVPTSRRAGSIEGRIVKDYKDDDDKHHHHHH
;
A
2 'polypeptide(L)' MLSEGYLSGLEYWND B
#
# COMPACT_ATOMS: atom_id res chain seq x y z
N GLY A 28 31.81 -15.32 -17.07
CA GLY A 28 30.83 -16.15 -17.74
C GLY A 28 29.55 -16.31 -16.94
N ALA A 29 29.57 -17.24 -15.98
CA ALA A 29 28.41 -17.44 -15.12
C ALA A 29 28.09 -16.18 -14.32
N PHE A 30 29.12 -15.52 -13.81
CA PHE A 30 28.96 -14.24 -13.12
C PHE A 30 28.17 -13.26 -13.98
N ALA A 31 28.67 -12.98 -15.18
CA ALA A 31 28.05 -12.03 -16.10
C ALA A 31 26.61 -12.43 -16.45
N GLY A 32 26.40 -13.71 -16.73
CA GLY A 32 25.08 -14.18 -17.10
C GLY A 32 24.05 -14.03 -16.01
N ARG A 33 24.35 -14.57 -14.82
CA ARG A 33 23.43 -14.46 -13.70
C ARG A 33 23.27 -12.99 -13.29
N ARG A 34 24.31 -12.19 -13.52
CA ARG A 34 24.23 -10.77 -13.19
C ARG A 34 23.26 -10.05 -14.12
N ALA A 35 23.35 -10.31 -15.41
CA ALA A 35 22.37 -9.76 -16.35
C ALA A 35 20.95 -10.23 -16.04
N ALA A 36 20.80 -11.51 -15.67
CA ALA A 36 19.46 -12.02 -15.33
C ALA A 36 18.89 -11.28 -14.12
N CYS A 37 19.65 -11.22 -13.03
CA CYS A 37 19.14 -10.56 -11.83
C CYS A 37 18.98 -9.06 -12.04
N GLY A 38 19.78 -8.47 -12.94
CA GLY A 38 19.60 -7.06 -13.24
C GLY A 38 18.33 -6.79 -14.00
N ALA A 39 17.98 -7.68 -14.93
CA ALA A 39 16.70 -7.59 -15.61
C ALA A 39 15.55 -7.71 -14.61
N VAL A 40 15.65 -8.70 -13.71
CA VAL A 40 14.61 -8.88 -12.69
C VAL A 40 14.53 -7.63 -11.81
N LEU A 41 15.67 -7.04 -11.47
CA LEU A 41 15.70 -5.86 -10.63
C LEU A 41 15.05 -4.68 -11.33
N LEU A 42 15.30 -4.54 -12.65
CA LEU A 42 14.67 -3.47 -13.42
C LEU A 42 13.16 -3.63 -13.45
N THR A 43 12.68 -4.86 -13.68
CA THR A 43 11.23 -5.10 -13.67
C THR A 43 10.64 -4.76 -12.30
N GLU A 44 11.32 -5.18 -11.23
CA GLU A 44 10.81 -4.88 -9.88
C GLU A 44 10.77 -3.39 -9.61
N LEU A 45 11.84 -2.68 -9.98
CA LEU A 45 11.88 -1.24 -9.77
C LEU A 45 10.77 -0.54 -10.54
N LEU A 46 10.55 -0.94 -11.80
CA LEU A 46 9.53 -0.29 -12.60
C LEU A 46 8.13 -0.58 -12.08
N GLU A 47 7.88 -1.81 -11.62
CA GLU A 47 6.54 -2.12 -11.11
C GLU A 47 6.28 -1.40 -9.79
N ARG A 48 7.29 -1.37 -8.91
CA ARG A 48 7.14 -0.62 -7.67
C ARG A 48 6.93 0.86 -7.94
N ALA A 49 7.62 1.38 -8.96
CA ALA A 49 7.49 2.78 -9.35
C ALA A 49 6.06 3.07 -9.81
N ALA A 50 5.54 2.24 -10.72
CA ALA A 50 4.18 2.43 -11.20
C ALA A 50 3.17 2.34 -10.06
N PHE A 51 3.37 1.38 -9.15
CA PHE A 51 2.45 1.21 -8.03
C PHE A 51 2.44 2.46 -7.14
N TYR A 52 3.63 2.89 -6.70
CA TYR A 52 3.70 4.03 -5.79
C TYR A 52 3.32 5.33 -6.50
N GLY A 53 3.39 5.34 -7.83
CA GLY A 53 2.94 6.49 -8.59
C GLY A 53 1.43 6.58 -8.65
N ILE A 54 0.77 5.48 -9.01
CA ILE A 54 -0.68 5.50 -9.16
C ILE A 54 -1.36 5.63 -7.80
N THR A 55 -0.79 4.99 -6.78
CA THR A 55 -1.44 4.97 -5.47
C THR A 55 -1.30 6.30 -4.74
N SER A 56 -0.26 7.08 -5.07
CA SER A 56 0.00 8.33 -4.39
C SER A 56 -1.10 9.36 -4.63
N ASN A 57 -1.27 9.78 -5.88
CA ASN A 57 -2.23 10.84 -6.22
C ASN A 57 -3.57 10.31 -6.68
N LEU A 58 -3.94 9.08 -6.36
CA LEU A 58 -5.22 8.55 -6.80
C LEU A 58 -6.38 9.29 -6.15
N VAL A 59 -6.25 9.60 -4.86
CA VAL A 59 -7.32 10.30 -4.15
C VAL A 59 -7.54 11.69 -4.74
N LEU A 60 -6.44 12.38 -5.07
CA LEU A 60 -6.54 13.71 -5.64
C LEU A 60 -7.24 13.69 -6.99
N PHE A 61 -6.85 12.76 -7.87
CA PHE A 61 -7.43 12.70 -9.20
C PHE A 61 -8.87 12.18 -9.17
N LEU A 62 -9.21 11.35 -8.19
CA LEU A 62 -10.57 10.83 -8.08
C LEU A 62 -11.59 11.91 -7.76
N ASN A 63 -11.15 13.06 -7.25
CA ASN A 63 -12.03 14.20 -7.01
C ASN A 63 -11.71 15.39 -7.92
N GLY A 64 -10.69 15.27 -8.75
CA GLY A 64 -10.30 16.34 -9.65
C GLY A 64 -10.98 16.23 -11.01
N ALA A 65 -11.03 15.01 -11.55
CA ALA A 65 -11.65 14.72 -12.82
C ALA A 65 -13.16 14.93 -12.75
N PRO A 66 -13.84 15.10 -13.89
CA PRO A 66 -15.29 15.39 -13.84
C PRO A 66 -16.14 14.28 -13.26
N PHE A 67 -15.56 13.09 -13.08
CA PHE A 67 -16.29 12.02 -12.39
C PHE A 67 -15.96 12.05 -10.90
N CYS A 68 -15.66 13.24 -10.39
CA CYS A 68 -15.25 13.45 -9.01
C CYS A 68 -16.16 12.75 -8.01
N TRP A 69 -15.61 11.81 -7.25
CA TRP A 69 -16.39 11.09 -6.25
C TRP A 69 -16.53 11.95 -4.99
N GLU A 70 -17.02 11.35 -3.91
CA GLU A 70 -17.38 12.10 -2.70
C GLU A 70 -16.42 11.73 -1.57
N GLY A 71 -15.24 12.36 -1.54
CA GLY A 71 -14.36 12.29 -0.39
C GLY A 71 -14.05 10.89 0.11
N ALA A 72 -14.68 10.54 1.23
CA ALA A 72 -14.56 9.19 1.77
C ALA A 72 -14.86 8.13 0.72
N GLN A 73 -15.61 8.48 -0.32
CA GLN A 73 -15.81 7.55 -1.42
C GLN A 73 -14.49 7.22 -2.11
N ALA A 74 -13.72 8.22 -2.50
CA ALA A 74 -12.39 7.98 -3.06
C ALA A 74 -11.47 7.35 -2.03
N SER A 75 -11.62 7.71 -0.76
CA SER A 75 -10.81 7.10 0.28
C SER A 75 -11.02 5.59 0.35
N GLU A 76 -12.27 5.15 0.40
CA GLU A 76 -12.56 3.72 0.43
C GLU A 76 -12.23 3.07 -0.91
N ALA A 77 -12.28 3.83 -2.00
CA ALA A 77 -11.85 3.30 -3.29
C ALA A 77 -10.38 2.91 -3.25
N LEU A 78 -9.52 3.82 -2.77
CA LEU A 78 -8.10 3.50 -2.64
C LEU A 78 -7.87 2.39 -1.61
N LEU A 79 -8.63 2.41 -0.52
CA LEU A 79 -8.50 1.36 0.50
C LEU A 79 -8.84 0.00 -0.09
N LEU A 80 -9.93 -0.09 -0.87
CA LEU A 80 -10.30 -1.35 -1.50
C LEU A 80 -9.30 -1.75 -2.58
N PHE A 81 -8.70 -0.78 -3.26
CA PHE A 81 -7.63 -1.10 -4.20
C PHE A 81 -6.48 -1.81 -3.49
N MET A 82 -5.96 -1.20 -2.41
CA MET A 82 -4.87 -1.81 -1.67
C MET A 82 -5.27 -3.16 -1.08
N GLY A 83 -6.49 -3.26 -0.55
CA GLY A 83 -6.95 -4.52 0.01
C GLY A 83 -7.07 -5.61 -1.04
N LEU A 84 -7.53 -5.24 -2.24
CA LEU A 84 -7.63 -6.19 -3.32
C LEU A 84 -6.26 -6.68 -3.75
N THR A 85 -5.29 -5.76 -3.81
CA THR A 85 -3.92 -6.17 -4.11
C THR A 85 -3.41 -7.18 -3.08
N TYR A 86 -3.56 -6.86 -1.80
CA TYR A 86 -2.97 -7.71 -0.77
C TYR A 86 -3.78 -8.99 -0.57
N LEU A 87 -5.02 -9.00 -1.05
CA LEU A 87 -5.82 -10.23 -0.99
C LEU A 87 -5.53 -11.13 -2.18
N GLY A 88 -5.25 -10.55 -3.34
CA GLY A 88 -4.92 -11.31 -4.53
C GLY A 88 -3.50 -11.85 -4.50
N SER A 89 -2.62 -11.19 -3.72
CA SER A 89 -1.24 -11.65 -3.61
C SER A 89 -1.14 -13.13 -3.24
N PRO A 90 -1.78 -13.61 -2.15
CA PRO A 90 -1.65 -15.04 -1.83
C PRO A 90 -2.34 -15.93 -2.85
N PHE A 91 -3.54 -15.54 -3.28
CA PHE A 91 -4.24 -16.28 -4.32
C PHE A 91 -3.48 -16.24 -5.63
N GLY A 92 -2.82 -15.10 -5.93
CA GLY A 92 -1.99 -15.03 -7.12
C GLY A 92 -0.81 -15.97 -7.05
N GLY A 93 -0.15 -16.04 -5.89
CA GLY A 93 0.95 -16.99 -5.73
C GLY A 93 0.49 -18.42 -5.85
N TRP A 94 -0.70 -18.73 -5.31
CA TRP A 94 -1.27 -20.06 -5.46
C TRP A 94 -1.52 -20.39 -6.92
N LEU A 95 -2.14 -19.47 -7.65
CA LEU A 95 -2.43 -19.66 -9.07
C LEU A 95 -1.13 -19.82 -9.87
N ALA A 96 -0.08 -19.11 -9.47
CA ALA A 96 1.21 -19.19 -10.13
C ALA A 96 1.86 -20.54 -9.91
N ASP A 97 2.03 -20.95 -8.65
CA ASP A 97 2.64 -22.23 -8.34
C ASP A 97 1.68 -23.37 -8.63
N ALA A 98 0.51 -23.04 -9.17
CA ALA A 98 -0.51 -23.97 -9.61
C ALA A 98 -0.24 -24.36 -11.07
N ARG A 99 -1.27 -24.91 -11.73
CA ARG A 99 -1.20 -25.37 -13.11
C ARG A 99 -0.40 -24.45 -14.03
N LEU A 100 -0.57 -23.13 -13.90
CA LEU A 100 0.10 -22.18 -14.78
C LEU A 100 1.57 -22.10 -14.42
N GLY A 101 2.40 -21.56 -15.32
CA GLY A 101 3.83 -21.45 -15.06
C GLY A 101 4.16 -20.10 -14.47
N ARG A 102 5.11 -20.10 -13.53
CA ARG A 102 5.52 -18.90 -12.81
C ARG A 102 5.90 -17.79 -13.76
N ALA A 103 6.79 -18.07 -14.73
CA ALA A 103 7.19 -17.05 -15.68
C ALA A 103 6.02 -16.59 -16.53
N ARG A 104 5.20 -17.53 -17.02
CA ARG A 104 4.01 -17.14 -17.77
C ARG A 104 3.03 -16.39 -16.89
N ALA A 105 2.97 -16.72 -15.60
CA ALA A 105 2.12 -16.00 -14.66
C ALA A 105 2.55 -14.55 -14.56
N ILE A 106 3.86 -14.31 -14.47
CA ILE A 106 4.38 -12.95 -14.37
C ILE A 106 4.13 -12.21 -15.68
N LEU A 107 4.26 -12.92 -16.80
CA LEU A 107 3.96 -12.32 -18.10
C LEU A 107 2.51 -11.84 -18.17
N LEU A 108 1.56 -12.72 -17.84
CA LEU A 108 0.15 -12.33 -17.87
C LEU A 108 -0.17 -11.24 -16.86
N SER A 109 0.47 -11.27 -15.68
CA SER A 109 0.28 -10.23 -14.69
C SER A 109 0.75 -8.88 -15.21
N LEU A 110 1.94 -8.84 -15.81
CA LEU A 110 2.44 -7.59 -16.39
C LEU A 110 1.60 -7.14 -17.57
N ALA A 111 1.03 -8.07 -18.33
CA ALA A 111 0.14 -7.70 -19.43
C ALA A 111 -1.11 -7.00 -18.90
N LEU A 112 -1.76 -7.61 -17.91
CA LEU A 112 -2.94 -6.96 -17.31
C LEU A 112 -2.58 -5.65 -16.62
N TYR A 113 -1.39 -5.58 -16.02
CA TYR A 113 -0.94 -4.34 -15.38
C TYR A 113 -0.77 -3.23 -16.42
N LEU A 114 -0.19 -3.56 -17.57
CA LEU A 114 -0.05 -2.58 -18.64
C LEU A 114 -1.42 -2.18 -19.19
N LEU A 115 -2.33 -3.14 -19.30
CA LEU A 115 -3.69 -2.85 -19.73
C LEU A 115 -4.34 -1.82 -18.80
N GLY A 116 -4.22 -2.03 -17.50
CA GLY A 116 -4.82 -1.09 -16.55
C GLY A 116 -4.13 0.26 -16.55
N MET A 117 -2.80 0.26 -16.58
CA MET A 117 -2.05 1.51 -16.55
C MET A 117 -2.12 2.23 -17.88
N LEU A 118 -2.71 1.61 -18.90
CA LEU A 118 -3.03 2.31 -20.14
C LEU A 118 -4.48 2.77 -20.13
N ALA A 119 -5.35 2.03 -19.47
CA ALA A 119 -6.75 2.42 -19.32
C ALA A 119 -6.88 3.69 -18.48
N PHE A 120 -6.05 3.82 -17.44
CA PHE A 120 -6.12 5.00 -16.58
C PHE A 120 -5.84 6.31 -17.31
N PRO A 121 -4.77 6.45 -18.11
CA PRO A 121 -4.59 7.72 -18.84
C PRO A 121 -5.71 8.02 -19.82
N LEU A 122 -6.39 6.98 -20.34
CA LEU A 122 -7.57 7.22 -21.16
C LEU A 122 -8.65 7.94 -20.36
N LEU A 123 -8.82 7.58 -19.09
CA LEU A 123 -9.68 8.34 -18.20
C LEU A 123 -9.10 9.74 -17.95
N ALA A 124 -7.78 9.83 -17.95
CA ALA A 124 -7.12 11.10 -17.65
C ALA A 124 -7.17 12.10 -18.80
N ALA A 125 -7.23 11.64 -20.04
CA ALA A 125 -7.20 12.54 -21.19
C ALA A 125 -8.62 12.88 -21.60
N PRO A 126 -8.98 14.17 -21.70
CA PRO A 126 -10.38 14.57 -21.96
C PRO A 126 -11.07 13.83 -23.10
N ALA A 127 -10.42 13.77 -24.26
CA ALA A 127 -11.00 13.14 -25.44
C ALA A 127 -11.30 11.67 -25.16
N THR A 128 -10.28 10.91 -24.77
CA THR A 128 -10.44 9.50 -24.45
C THR A 128 -11.33 9.31 -23.24
N ARG A 129 -11.34 10.28 -22.33
CA ARG A 129 -12.23 10.24 -21.17
C ARG A 129 -13.68 10.20 -21.63
N ALA A 130 -14.07 11.16 -22.47
CA ALA A 130 -15.42 11.21 -23.01
C ALA A 130 -15.72 9.98 -23.87
N ALA A 131 -14.74 9.53 -24.64
CA ALA A 131 -14.93 8.41 -25.56
C ALA A 131 -15.19 7.10 -24.84
N LEU A 132 -14.23 6.65 -24.02
CA LEU A 132 -14.28 5.34 -23.41
C LEU A 132 -15.39 5.21 -22.38
N CYS A 133 -15.46 6.14 -21.43
CA CYS A 133 -16.46 6.10 -20.37
C CYS A 133 -17.88 6.12 -20.94
N GLY A 134 -18.20 7.15 -21.71
CA GLY A 134 -19.53 7.27 -22.27
C GLY A 134 -20.20 8.59 -21.94
N SER A 135 -21.01 9.10 -22.87
CA SER A 135 -21.70 10.36 -22.65
C SER A 135 -22.71 10.23 -21.51
N ALA A 136 -22.98 11.36 -20.85
CA ALA A 136 -23.92 11.37 -19.75
C ALA A 136 -25.37 11.24 -20.21
N ARG A 137 -25.61 11.31 -21.52
CA ARG A 137 -26.98 11.23 -22.02
C ARG A 137 -27.44 9.81 -22.30
N LEU A 138 -26.54 8.83 -22.22
CA LEU A 138 -26.89 7.45 -22.53
C LEU A 138 -27.00 6.57 -21.30
N LEU A 139 -26.19 6.83 -20.27
CA LEU A 139 -26.15 6.00 -19.07
C LEU A 139 -27.04 6.56 -17.96
N ASN A 140 -28.05 7.36 -18.33
CA ASN A 140 -28.99 7.96 -17.39
C ASN A 140 -28.22 8.80 -16.34
N CYS A 141 -27.46 9.76 -16.84
CA CYS A 141 -26.70 10.69 -15.99
C CYS A 141 -27.18 12.13 -16.17
N THR A 142 -28.48 12.32 -16.32
CA THR A 142 -29.06 13.65 -16.54
C THR A 142 -29.44 14.34 -15.24
N ALA A 143 -29.13 13.75 -14.09
CA ALA A 143 -29.47 14.37 -12.82
C ALA A 143 -28.56 15.57 -12.56
N PRO A 144 -29.12 16.73 -12.19
CA PRO A 144 -28.26 17.91 -11.94
C PRO A 144 -27.34 17.73 -10.75
N GLY A 145 -26.04 17.69 -11.00
CA GLY A 145 -25.06 17.51 -9.96
C GLY A 145 -23.88 16.69 -10.43
N PRO A 146 -22.76 16.78 -9.69
CA PRO A 146 -21.57 16.00 -10.07
C PRO A 146 -21.70 14.51 -9.82
N ASP A 147 -22.75 14.06 -9.14
CA ASP A 147 -22.92 12.63 -8.88
C ASP A 147 -23.27 11.87 -10.14
N ALA A 148 -23.89 12.53 -11.12
CA ALA A 148 -24.28 11.85 -12.35
C ALA A 148 -23.06 11.39 -13.14
N ALA A 149 -22.06 12.25 -13.30
CA ALA A 149 -20.84 11.85 -13.99
C ALA A 149 -20.12 10.74 -13.24
N ALA A 150 -20.24 10.71 -11.91
CA ALA A 150 -19.68 9.61 -11.14
C ALA A 150 -20.39 8.31 -11.45
N ARG A 151 -21.73 8.34 -11.45
CA ARG A 151 -22.50 7.15 -11.83
C ARG A 151 -22.12 6.68 -13.22
N CYS A 152 -21.88 7.61 -14.14
CA CYS A 152 -21.47 7.27 -15.50
C CYS A 152 -20.10 6.59 -15.54
N CYS A 153 -19.07 7.25 -14.98
CA CYS A 153 -17.70 6.80 -15.16
C CYS A 153 -17.19 5.93 -14.00
N SER A 154 -18.07 5.42 -13.15
CA SER A 154 -17.64 4.50 -12.10
C SER A 154 -17.17 3.14 -12.63
N PRO A 155 -17.92 2.47 -13.53
CA PRO A 155 -17.50 1.12 -13.94
C PRO A 155 -16.14 1.06 -14.62
N ALA A 156 -15.81 2.03 -15.47
CA ALA A 156 -14.52 2.03 -16.15
C ALA A 156 -13.37 2.13 -15.16
N THR A 157 -13.44 3.11 -14.27
CA THR A 157 -12.44 3.27 -13.23
C THR A 157 -12.34 2.05 -12.33
N PHE A 158 -13.46 1.44 -11.95
CA PHE A 158 -13.43 0.26 -11.10
C PHE A 158 -12.80 -0.94 -11.81
N ALA A 159 -13.09 -1.11 -13.10
CA ALA A 159 -12.45 -2.18 -13.87
C ALA A 159 -10.95 -1.96 -13.98
N GLY A 160 -10.55 -0.72 -14.25
CA GLY A 160 -9.14 -0.40 -14.28
C GLY A 160 -8.46 -0.72 -12.97
N LEU A 161 -9.11 -0.33 -11.86
CA LEU A 161 -8.56 -0.58 -10.53
C LEU A 161 -8.43 -2.07 -10.24
N VAL A 162 -9.45 -2.87 -10.57
CA VAL A 162 -9.38 -4.30 -10.27
C VAL A 162 -8.32 -4.98 -11.13
N LEU A 163 -8.20 -4.57 -12.40
CA LEU A 163 -7.16 -5.15 -13.26
C LEU A 163 -5.78 -4.81 -12.73
N VAL A 164 -5.54 -3.53 -12.40
CA VAL A 164 -4.24 -3.12 -11.85
C VAL A 164 -3.96 -3.85 -10.55
N GLY A 165 -4.98 -4.02 -9.70
CA GLY A 165 -4.77 -4.68 -8.42
C GLY A 165 -4.37 -6.14 -8.59
N LEU A 166 -5.10 -6.87 -9.42
CA LEU A 166 -4.74 -8.26 -9.68
C LEU A 166 -3.34 -8.37 -10.29
N GLY A 167 -3.01 -7.50 -11.23
CA GLY A 167 -1.70 -7.54 -11.84
C GLY A 167 -0.58 -7.32 -10.84
N VAL A 168 -0.67 -6.24 -10.07
CA VAL A 168 0.39 -5.95 -9.10
C VAL A 168 0.43 -6.99 -7.99
N ALA A 169 -0.72 -7.58 -7.65
CA ALA A 169 -0.74 -8.64 -6.64
C ALA A 169 0.05 -9.84 -7.12
N THR A 170 -0.25 -10.33 -8.32
CA THR A 170 0.49 -11.48 -8.84
C THR A 170 1.97 -11.16 -9.01
N VAL A 171 2.28 -9.93 -9.47
CA VAL A 171 3.68 -9.54 -9.65
C VAL A 171 4.41 -9.55 -8.32
N LYS A 172 3.82 -8.95 -7.28
CA LYS A 172 4.43 -8.89 -5.96
C LYS A 172 4.62 -10.28 -5.39
N ALA A 173 3.64 -11.16 -5.60
CA ALA A 173 3.73 -12.52 -5.06
C ALA A 173 4.75 -13.37 -5.80
N ASN A 174 5.03 -13.04 -7.07
CA ASN A 174 5.82 -13.91 -7.92
C ASN A 174 7.28 -13.47 -8.05
N ILE A 175 7.53 -12.16 -8.06
CA ILE A 175 8.83 -11.64 -8.46
C ILE A 175 9.92 -11.98 -7.46
N THR A 176 9.57 -12.08 -6.18
CA THR A 176 10.58 -12.35 -5.16
C THR A 176 11.09 -13.80 -5.27
N PRO A 177 10.21 -14.82 -5.26
CA PRO A 177 10.72 -16.19 -5.45
C PRO A 177 11.38 -16.40 -6.81
N PHE A 178 10.95 -15.63 -7.82
CA PHE A 178 11.55 -15.76 -9.15
C PHE A 178 13.04 -15.43 -9.09
N GLY A 179 13.39 -14.19 -8.73
CA GLY A 179 14.80 -13.85 -8.59
C GLY A 179 15.50 -14.70 -7.55
N ALA A 180 14.75 -15.12 -6.52
CA ALA A 180 15.29 -16.01 -5.50
C ALA A 180 15.89 -17.25 -6.13
N ASP A 181 15.10 -18.00 -6.91
CA ASP A 181 15.62 -19.23 -7.51
C ASP A 181 16.56 -18.90 -8.66
N GLN A 182 16.42 -17.72 -9.27
CA GLN A 182 17.33 -17.27 -10.31
C GLN A 182 18.75 -17.16 -9.78
N VAL A 183 18.90 -16.76 -8.52
CA VAL A 183 20.22 -16.53 -7.95
C VAL A 183 20.69 -17.69 -7.09
N LYS A 184 19.75 -18.40 -6.45
CA LYS A 184 20.05 -19.39 -5.43
C LYS A 184 20.95 -20.53 -5.91
N ASP A 185 20.84 -20.89 -7.20
CA ASP A 185 21.53 -22.05 -7.75
C ASP A 185 23.03 -22.05 -7.46
N ARG A 186 23.64 -20.86 -7.43
CA ARG A 186 25.10 -20.79 -7.27
C ARG A 186 25.52 -20.88 -5.81
N GLY A 187 25.11 -19.90 -4.99
CA GLY A 187 25.53 -19.86 -3.60
C GLY A 187 24.70 -18.94 -2.74
N PRO A 188 24.78 -19.12 -1.42
CA PRO A 188 23.93 -18.30 -0.53
C PRO A 188 24.39 -16.85 -0.43
N GLU A 189 25.70 -16.60 -0.44
CA GLU A 189 26.18 -15.22 -0.41
C GLU A 189 25.73 -14.45 -1.64
N ALA A 190 25.63 -15.13 -2.79
CA ALA A 190 25.08 -14.49 -3.98
C ALA A 190 23.63 -14.09 -3.75
N THR A 191 22.85 -14.93 -3.07
CA THR A 191 21.47 -14.58 -2.77
C THR A 191 21.41 -13.40 -1.82
N ARG A 192 22.29 -13.36 -0.82
CA ARG A 192 22.31 -12.25 0.12
C ARG A 192 22.64 -10.94 -0.59
N ARG A 193 23.66 -10.95 -1.45
CA ARG A 193 24.00 -9.74 -2.19
C ARG A 193 22.87 -9.32 -3.12
N PHE A 194 22.28 -10.28 -3.83
CA PHE A 194 21.21 -9.98 -4.78
C PHE A 194 20.00 -9.39 -4.06
N PHE A 195 19.66 -9.92 -2.89
CA PHE A 195 18.49 -9.39 -2.21
C PHE A 195 18.79 -8.11 -1.44
N ASN A 196 20.04 -7.86 -1.05
CA ASN A 196 20.39 -6.51 -0.62
C ASN A 196 20.18 -5.51 -1.74
N TRP A 197 20.65 -5.85 -2.95
CA TRP A 197 20.37 -5.04 -4.12
C TRP A 197 18.87 -4.92 -4.37
N PHE A 198 18.11 -5.97 -4.08
CA PHE A 198 16.66 -5.95 -4.27
C PHE A 198 16.00 -4.94 -3.35
N TYR A 199 16.34 -5.01 -2.06
CA TYR A 199 15.82 -4.04 -1.09
C TYR A 199 16.19 -2.62 -1.48
N TRP A 200 17.45 -2.40 -1.84
CA TRP A 200 17.89 -1.06 -2.20
C TRP A 200 17.17 -0.54 -3.44
N SER A 201 16.99 -1.40 -4.45
CA SER A 201 16.31 -1.00 -5.67
C SER A 201 14.83 -0.71 -5.41
N ILE A 202 14.19 -1.53 -4.56
CA ILE A 202 12.79 -1.29 -4.23
C ILE A 202 12.64 0.07 -3.57
N ASN A 203 13.49 0.37 -2.58
CA ASN A 203 13.37 1.65 -1.89
C ASN A 203 13.69 2.82 -2.81
N LEU A 204 14.72 2.68 -3.66
CA LEU A 204 15.09 3.76 -4.57
C LEU A 204 13.99 4.01 -5.59
N GLY A 205 13.39 2.95 -6.12
CA GLY A 205 12.27 3.09 -7.03
C GLY A 205 11.10 3.76 -6.35
N ALA A 206 10.82 3.37 -5.10
CA ALA A 206 9.74 4.02 -4.35
C ALA A 206 9.97 5.52 -4.24
N ILE A 207 11.16 5.92 -3.79
CA ILE A 207 11.49 7.33 -3.62
C ILE A 207 11.39 8.09 -4.94
N LEU A 208 12.05 7.57 -5.98
CA LEU A 208 12.08 8.26 -7.27
C LEU A 208 10.69 8.38 -7.87
N SER A 209 9.91 7.30 -7.82
CA SER A 209 8.53 7.31 -8.29
C SER A 209 7.73 8.35 -7.54
N LEU A 210 7.66 8.25 -6.21
CA LEU A 210 6.94 9.23 -5.41
C LEU A 210 7.30 10.64 -5.87
N GLY A 211 8.57 11.00 -5.73
CA GLY A 211 9.01 12.34 -6.10
C GLY A 211 8.59 12.77 -7.49
N GLY A 212 9.15 12.13 -8.51
CA GLY A 212 8.93 12.60 -9.88
C GLY A 212 7.49 12.49 -10.32
N ILE A 213 6.89 11.31 -10.17
CA ILE A 213 5.55 11.09 -10.68
C ILE A 213 4.54 11.97 -9.94
N ALA A 214 4.67 12.07 -8.61
CA ALA A 214 3.73 12.90 -7.85
C ALA A 214 3.88 14.36 -8.21
N TYR A 215 5.13 14.84 -8.36
CA TYR A 215 5.33 16.23 -8.77
C TYR A 215 4.67 16.48 -10.12
N ILE A 216 4.90 15.59 -11.08
CA ILE A 216 4.32 15.76 -12.41
C ILE A 216 2.79 15.79 -12.33
N GLN A 217 2.20 14.78 -11.70
CA GLN A 217 0.76 14.69 -11.54
C GLN A 217 0.17 15.95 -10.92
N GLN A 218 0.78 16.41 -9.83
CA GLN A 218 0.14 17.45 -9.03
C GLN A 218 0.41 18.86 -9.57
N ASN A 219 1.48 19.05 -10.34
CA ASN A 219 1.90 20.41 -10.66
C ASN A 219 2.05 20.65 -12.15
N VAL A 220 1.97 19.60 -12.97
CA VAL A 220 2.16 19.79 -14.41
C VAL A 220 0.94 19.30 -15.17
N SER A 221 0.67 18.00 -15.12
CA SER A 221 -0.42 17.41 -15.88
C SER A 221 -0.77 16.02 -15.37
N PHE A 222 -2.05 15.80 -15.05
CA PHE A 222 -2.53 14.48 -14.67
C PHE A 222 -2.35 13.49 -15.81
N VAL A 223 -2.53 13.97 -17.04
CA VAL A 223 -2.42 13.14 -18.24
C VAL A 223 -1.04 12.50 -18.32
N THR A 224 0.00 13.34 -18.43
CA THR A 224 1.36 12.82 -18.47
C THR A 224 1.74 12.16 -17.15
N GLY A 225 1.20 12.65 -16.04
CA GLY A 225 1.44 12.07 -14.74
C GLY A 225 1.03 10.61 -14.65
N TYR A 226 -0.03 10.25 -15.37
CA TYR A 226 -0.42 8.83 -15.44
C TYR A 226 0.23 8.14 -16.62
N ALA A 227 0.60 8.89 -17.66
CA ALA A 227 1.15 8.27 -18.86
C ALA A 227 2.58 7.79 -18.63
N ILE A 228 3.32 8.43 -17.73
CA ILE A 228 4.69 8.02 -17.44
C ILE A 228 4.68 6.64 -16.77
N PRO A 229 3.78 6.37 -15.78
CA PRO A 229 3.65 4.99 -15.30
C PRO A 229 3.35 4.00 -16.42
N THR A 230 2.61 4.44 -17.43
CA THR A 230 2.25 3.55 -18.53
C THR A 230 3.49 3.09 -19.31
N VAL A 231 4.34 4.02 -19.72
CA VAL A 231 5.54 3.67 -20.47
C VAL A 231 6.50 2.95 -19.53
N CYS A 232 6.42 3.23 -18.24
CA CYS A 232 7.23 2.49 -17.27
C CYS A 232 6.85 1.02 -17.24
N VAL A 233 5.56 0.72 -17.16
CA VAL A 233 5.06 -0.64 -17.15
C VAL A 233 5.37 -1.30 -18.48
N GLY A 234 5.29 -0.53 -19.57
CA GLY A 234 5.63 -1.04 -20.88
C GLY A 234 7.08 -1.49 -20.97
N LEU A 235 7.99 -0.65 -20.47
CA LEU A 235 9.40 -1.00 -20.42
C LEU A 235 9.63 -2.23 -19.56
N ALA A 236 8.97 -2.30 -18.40
CA ALA A 236 9.10 -3.47 -17.54
C ALA A 236 8.65 -4.73 -18.27
N PHE A 237 7.50 -4.64 -18.95
CA PHE A 237 6.96 -5.79 -19.66
C PHE A 237 7.90 -6.26 -20.78
N VAL A 238 8.42 -5.31 -21.55
CA VAL A 238 9.25 -5.69 -22.69
C VAL A 238 10.59 -6.25 -22.22
N VAL A 239 11.15 -5.68 -21.14
CA VAL A 239 12.43 -6.19 -20.65
C VAL A 239 12.26 -7.56 -20.01
N PHE A 240 11.10 -7.79 -19.37
CA PHE A 240 10.85 -9.12 -18.81
C PHE A 240 10.53 -10.13 -19.90
N LEU A 241 9.98 -9.68 -21.04
CA LEU A 241 9.73 -10.59 -22.15
C LEU A 241 11.03 -10.98 -22.84
N CYS A 242 11.88 -10.00 -23.16
CA CYS A 242 13.18 -10.31 -23.75
C CYS A 242 14.12 -10.98 -22.76
N GLY A 243 13.85 -10.90 -21.46
CA GLY A 243 14.65 -11.61 -20.48
C GLY A 243 14.30 -13.09 -20.40
N GLN A 244 13.04 -13.42 -20.72
CA GLN A 244 12.58 -14.80 -20.63
C GLN A 244 13.43 -15.74 -21.48
N SER A 245 13.98 -15.22 -22.59
CA SER A 245 14.84 -16.02 -23.45
C SER A 245 16.13 -16.43 -22.73
N VAL A 246 16.61 -15.58 -21.83
CA VAL A 246 17.88 -15.83 -21.15
C VAL A 246 17.63 -15.96 -19.65
N PHE A 247 16.40 -16.31 -19.28
CA PHE A 247 16.07 -16.55 -17.88
C PHE A 247 16.31 -18.01 -17.54
N ILE A 248 16.04 -18.38 -16.29
CA ILE A 248 16.16 -19.75 -15.81
C ILE A 248 14.80 -20.13 -15.25
N THR A 249 13.97 -20.79 -16.07
CA THR A 249 12.62 -21.11 -15.67
C THR A 249 12.60 -22.20 -14.61
N LYS A 250 11.45 -22.33 -13.95
CA LYS A 250 11.25 -23.33 -12.91
C LYS A 250 9.85 -23.93 -13.02
N PRO A 251 9.73 -25.22 -13.28
CA PRO A 251 8.40 -25.86 -13.34
C PRO A 251 7.68 -25.74 -12.02
N PRO A 252 6.35 -25.85 -12.01
CA PRO A 252 5.60 -25.75 -10.77
C PRO A 252 5.96 -26.87 -9.80
N ASP A 253 5.77 -26.57 -8.51
CA ASP A 253 6.15 -27.49 -7.45
C ASP A 253 4.93 -28.17 -6.83
N GLY A 254 3.81 -27.46 -6.75
CA GLY A 254 2.61 -28.03 -6.20
C GLY A 254 1.76 -27.07 -5.40
N SER A 255 2.35 -25.97 -4.93
CA SER A 255 1.61 -24.90 -4.27
C SER A 255 0.83 -25.41 -3.06
N ALA A 256 1.54 -25.80 -1.99
CA ALA A 256 0.95 -26.52 -0.85
C ALA A 256 -0.21 -25.78 -0.16
N PHE A 257 -0.55 -24.57 -0.61
CA PHE A 257 -1.83 -23.98 -0.26
C PHE A 257 -3.00 -24.90 -0.59
N THR A 258 -2.89 -25.66 -1.69
CA THR A 258 -3.92 -26.66 -1.99
C THR A 258 -3.95 -27.74 -0.92
N ASP A 259 -2.77 -28.10 -0.39
CA ASP A 259 -2.73 -29.10 0.67
C ASP A 259 -3.40 -28.59 1.94
N MET A 260 -3.10 -27.35 2.33
CA MET A 260 -3.72 -26.80 3.53
C MET A 260 -5.22 -26.62 3.34
N PHE A 261 -5.65 -26.25 2.13
CA PHE A 261 -7.08 -26.14 1.84
C PHE A 261 -7.76 -27.49 1.94
N LYS A 262 -7.14 -28.53 1.38
CA LYS A 262 -7.68 -29.88 1.44
C LYS A 262 -7.81 -30.34 2.89
N ILE A 263 -6.77 -30.09 3.69
CA ILE A 263 -6.79 -30.49 5.10
C ILE A 263 -7.92 -29.76 5.82
N LEU A 264 -8.04 -28.46 5.58
CA LEU A 264 -9.05 -27.66 6.28
C LEU A 264 -10.46 -28.10 5.91
N THR A 265 -10.70 -28.39 4.63
CA THR A 265 -12.04 -28.78 4.21
C THR A 265 -12.37 -30.22 4.56
N TYR A 266 -11.34 -31.08 4.73
CA TYR A 266 -11.61 -32.46 5.12
C TYR A 266 -11.81 -32.57 6.62
N SER A 267 -11.16 -31.70 7.39
CA SER A 267 -11.38 -31.69 8.84
C SER A 267 -12.80 -31.27 9.17
N CYS A 268 -13.41 -30.43 8.32
CA CYS A 268 -14.79 -30.00 8.53
C CYS A 268 -15.77 -31.08 8.14
N GLU A 309 2.93 -36.17 7.00
CA GLU A 309 3.51 -35.45 8.13
C GLU A 309 3.15 -33.97 8.08
N GLU A 310 2.50 -33.56 6.99
CA GLU A 310 2.12 -32.16 6.83
C GLU A 310 1.02 -31.73 7.78
N LYS A 311 0.31 -32.68 8.40
CA LYS A 311 -0.81 -32.35 9.28
C LYS A 311 -0.37 -31.55 10.50
N VAL A 312 0.58 -32.11 11.26
CA VAL A 312 1.04 -31.45 12.48
C VAL A 312 1.75 -30.13 12.19
N GLU A 313 2.54 -30.07 11.12
CA GLU A 313 3.20 -28.83 10.75
C GLU A 313 2.16 -27.78 10.37
N ASP A 314 1.15 -28.19 9.61
CA ASP A 314 0.08 -27.31 9.19
C ASP A 314 -0.66 -26.73 10.40
N VAL A 315 -1.06 -27.59 11.33
CA VAL A 315 -1.84 -27.14 12.47
C VAL A 315 -1.00 -26.23 13.36
N LYS A 316 0.27 -26.60 13.60
CA LYS A 316 1.14 -25.74 14.40
C LYS A 316 1.36 -24.39 13.74
N ALA A 317 1.65 -24.38 12.43
CA ALA A 317 1.84 -23.15 11.69
C ALA A 317 0.63 -22.26 11.81
N LEU A 318 -0.56 -22.82 11.59
CA LEU A 318 -1.77 -21.98 11.61
C LEU A 318 -2.02 -21.44 13.01
N VAL A 319 -1.91 -22.29 14.04
CA VAL A 319 -2.26 -21.87 15.39
C VAL A 319 -1.26 -20.84 15.89
N LYS A 320 -0.04 -20.88 15.34
CA LYS A 320 0.99 -19.91 15.76
C LYS A 320 0.87 -18.60 14.99
N ILE A 321 0.45 -18.69 13.72
CA ILE A 321 0.47 -17.51 12.86
C ILE A 321 -0.81 -16.69 13.00
N VAL A 322 -1.96 -17.36 13.10
CA VAL A 322 -3.24 -16.65 12.98
C VAL A 322 -3.47 -15.59 14.06
N PRO A 323 -3.06 -15.79 15.33
CA PRO A 323 -3.42 -14.78 16.34
C PRO A 323 -2.69 -13.46 16.16
N VAL A 324 -1.38 -13.50 15.93
CA VAL A 324 -0.61 -12.28 15.74
C VAL A 324 -1.10 -11.51 14.52
N PHE A 325 -1.41 -12.23 13.44
CA PHE A 325 -1.87 -11.54 12.24
C PHE A 325 -3.29 -11.01 12.41
N LEU A 326 -4.13 -11.70 13.19
CA LEU A 326 -5.43 -11.14 13.56
C LEU A 326 -5.26 -9.85 14.33
N ALA A 327 -4.28 -9.81 15.24
CA ALA A 327 -4.00 -8.58 15.98
C ALA A 327 -3.45 -7.49 15.05
N LEU A 328 -2.76 -7.89 13.98
CA LEU A 328 -2.16 -6.94 13.05
C LEU A 328 -3.15 -6.43 12.02
N ILE A 329 -4.28 -7.12 11.84
CA ILE A 329 -5.32 -6.68 10.92
C ILE A 329 -5.72 -5.23 11.19
N PRO A 330 -6.08 -4.84 12.42
CA PRO A 330 -6.37 -3.42 12.66
C PRO A 330 -5.18 -2.52 12.43
N TYR A 331 -3.96 -3.05 12.59
CA TYR A 331 -2.78 -2.22 12.36
C TYR A 331 -2.63 -1.89 10.88
N TRP A 332 -2.80 -2.86 9.99
CA TRP A 332 -2.75 -2.56 8.57
C TRP A 332 -3.95 -1.72 8.15
N THR A 333 -5.10 -1.94 8.80
CA THR A 333 -6.23 -1.02 8.63
C THR A 333 -5.80 0.42 8.84
N VAL A 334 -5.23 0.71 10.01
CA VAL A 334 -4.89 2.10 10.35
C VAL A 334 -3.70 2.57 9.52
N TYR A 335 -2.88 1.65 9.00
CA TYR A 335 -1.77 2.03 8.14
C TYR A 335 -2.27 2.56 6.79
N PHE A 336 -3.11 1.76 6.11
CA PHE A 336 -3.65 2.23 4.85
C PHE A 336 -4.59 3.42 5.06
N GLN A 337 -5.21 3.50 6.24
CA GLN A 337 -6.03 4.66 6.57
C GLN A 337 -5.15 5.90 6.72
N MET A 338 -4.02 5.76 7.39
CA MET A 338 -2.97 6.79 7.40
C MET A 338 -2.79 7.27 5.99
N GLN A 339 -2.40 6.37 5.09
CA GLN A 339 -2.14 6.74 3.71
C GLN A 339 -3.27 7.59 3.12
N THR A 340 -4.46 6.99 2.99
CA THR A 340 -5.53 7.63 2.23
C THR A 340 -6.05 8.88 2.93
N THR A 341 -6.48 8.74 4.19
CA THR A 341 -7.11 9.87 4.86
C THR A 341 -6.12 10.96 5.22
N TYR A 342 -4.82 10.68 5.35
CA TYR A 342 -3.88 11.76 5.59
C TYR A 342 -3.54 12.47 4.29
N VAL A 343 -3.54 11.76 3.17
CA VAL A 343 -3.51 12.46 1.88
C VAL A 343 -4.69 13.41 1.77
N LEU A 344 -5.89 12.93 2.15
CA LEU A 344 -7.07 13.78 2.10
C LEU A 344 -6.95 14.97 3.05
N GLN A 345 -6.44 14.73 4.26
CA GLN A 345 -6.33 15.79 5.26
C GLN A 345 -5.31 16.84 4.85
N SER A 346 -4.17 16.41 4.27
CA SER A 346 -3.22 17.37 3.72
C SER A 346 -3.82 18.14 2.55
N LEU A 347 -4.66 17.49 1.74
CA LEU A 347 -5.42 18.22 0.74
C LEU A 347 -6.31 19.28 1.39
N HIS A 348 -6.86 18.97 2.57
CA HIS A 348 -7.71 19.93 3.26
C HIS A 348 -6.94 20.74 4.31
N LEU A 349 -5.64 20.49 4.48
CA LEU A 349 -4.81 21.33 5.33
C LEU A 349 -4.19 22.44 4.49
N ARG A 350 -3.23 23.16 5.06
CA ARG A 350 -2.53 24.23 4.34
C ARG A 350 -1.31 23.66 3.64
N ILE A 351 -1.11 24.04 2.39
CA ILE A 351 -0.03 23.55 1.56
C ILE A 351 0.88 24.72 1.22
N PRO A 352 2.20 24.58 1.33
CA PRO A 352 3.10 25.70 1.00
C PRO A 352 3.09 25.99 -0.49
N GLU A 353 3.89 27.00 -0.87
CA GLU A 353 3.93 27.49 -2.24
C GLU A 353 5.36 27.38 -2.77
N ILE A 354 5.50 26.84 -3.97
CA ILE A 354 6.78 26.78 -4.67
C ILE A 354 6.69 27.70 -5.88
N SER A 355 5.91 28.78 -5.74
CA SER A 355 5.56 29.67 -6.83
C SER A 355 6.68 30.63 -7.21
N ASN A 356 7.93 30.34 -6.82
CA ASN A 356 9.06 31.19 -7.16
C ASN A 356 9.13 31.46 -8.66
N ILE A 357 9.08 30.41 -9.47
CA ILE A 357 9.08 30.54 -10.92
C ILE A 357 7.80 29.90 -11.45
N THR A 358 6.73 29.97 -10.66
CA THR A 358 5.52 29.22 -10.97
C THR A 358 4.30 30.08 -10.72
N THR A 359 3.38 30.06 -11.68
CA THR A 359 2.03 30.59 -11.51
C THR A 359 1.12 29.43 -11.16
N THR A 360 0.08 29.69 -10.36
CA THR A 360 -0.73 28.68 -9.70
C THR A 360 0.21 27.76 -8.92
N PRO A 361 0.73 28.21 -7.76
CA PRO A 361 1.86 27.54 -7.10
C PRO A 361 1.85 26.03 -7.08
N HIS A 362 2.98 25.43 -7.43
CA HIS A 362 3.17 23.99 -7.27
C HIS A 362 3.05 23.61 -5.80
N THR A 363 2.22 22.60 -5.53
CA THR A 363 1.85 22.22 -4.17
C THR A 363 2.79 21.15 -3.64
N LEU A 364 3.14 21.25 -2.36
CA LEU A 364 3.96 20.25 -1.70
C LEU A 364 3.17 18.95 -1.58
N PRO A 365 3.64 17.88 -2.21
CA PRO A 365 2.82 16.65 -2.30
C PRO A 365 2.76 15.89 -0.98
N ALA A 366 1.55 15.41 -0.65
CA ALA A 366 1.42 14.39 0.37
C ALA A 366 2.23 13.15 0.04
N ALA A 367 2.42 12.87 -1.25
CA ALA A 367 3.38 11.85 -1.65
C ALA A 367 4.81 12.23 -1.34
N TRP A 368 5.15 13.53 -1.34
CA TRP A 368 6.46 13.94 -0.85
C TRP A 368 6.56 13.73 0.66
N LEU A 369 5.47 13.93 1.39
CA LEU A 369 5.47 13.62 2.82
C LEU A 369 5.69 12.12 3.04
N THR A 370 5.03 11.29 2.23
CA THR A 370 5.26 9.85 2.27
C THR A 370 6.69 9.49 1.90
N MET A 371 7.30 10.22 0.97
CA MET A 371 8.72 10.06 0.68
C MET A 371 9.57 10.37 1.88
N PHE A 372 9.24 11.44 2.62
CA PHE A 372 9.94 11.76 3.85
C PHE A 372 9.85 10.60 4.84
N ASP A 373 8.64 10.05 4.99
CA ASP A 373 8.44 8.87 5.82
C ASP A 373 9.37 7.73 5.39
N ALA A 374 9.36 7.42 4.08
CA ALA A 374 10.10 6.26 3.59
C ALA A 374 11.61 6.47 3.71
N VAL A 375 12.09 7.70 3.50
CA VAL A 375 13.51 7.95 3.61
C VAL A 375 13.94 7.91 5.07
N LEU A 376 13.05 8.28 6.00
CA LEU A 376 13.36 8.05 7.41
C LEU A 376 13.40 6.56 7.73
N ILE A 377 12.51 5.78 7.13
CA ILE A 377 12.57 4.32 7.27
C ILE A 377 13.94 3.81 6.83
N LEU A 378 14.38 4.26 5.67
CA LEU A 378 15.67 3.88 5.10
C LEU A 378 16.84 4.28 5.99
N LEU A 379 16.81 5.49 6.53
CA LEU A 379 17.90 5.96 7.38
C LEU A 379 17.89 5.25 8.72
N LEU A 380 16.71 4.86 9.20
CA LEU A 380 16.59 4.24 10.51
C LEU A 380 17.01 2.78 10.50
N ILE A 381 16.37 1.97 9.66
CA ILE A 381 16.44 0.50 9.73
C ILE A 381 17.85 -0.01 10.02
N PRO A 382 18.89 0.34 9.21
CA PRO A 382 20.24 -0.16 9.55
C PRO A 382 20.76 0.42 10.84
N LEU A 383 20.64 1.74 10.99
CA LEU A 383 21.00 2.40 12.23
C LEU A 383 20.16 1.89 13.39
N LYS A 384 18.89 1.59 13.15
CA LYS A 384 18.00 1.05 14.17
C LYS A 384 18.58 -0.26 14.68
N ASP A 385 18.91 -1.19 13.77
CA ASP A 385 19.55 -2.43 14.18
C ASP A 385 20.80 -2.14 14.99
N LYS A 386 21.76 -1.45 14.37
CA LYS A 386 23.10 -1.23 14.90
C LYS A 386 23.08 -0.61 16.30
N LEU A 387 22.12 0.27 16.59
CA LEU A 387 22.11 0.93 17.88
C LEU A 387 21.20 0.21 18.87
N VAL A 388 20.01 -0.20 18.44
CA VAL A 388 19.04 -0.81 19.34
C VAL A 388 19.55 -2.14 19.86
N ASP A 389 19.96 -3.04 18.96
CA ASP A 389 20.25 -4.42 19.37
C ASP A 389 21.29 -4.50 20.50
N PRO A 390 22.49 -3.91 20.36
CA PRO A 390 23.50 -4.06 21.42
C PRO A 390 23.08 -3.41 22.73
N ILE A 391 22.24 -2.37 22.66
CA ILE A 391 21.86 -1.61 23.85
C ILE A 391 20.59 -2.23 24.45
N LEU A 392 19.69 -2.71 23.59
CA LEU A 392 18.47 -3.35 24.09
C LEU A 392 18.78 -4.74 24.63
N ARG A 393 19.96 -5.27 24.29
CA ARG A 393 20.41 -6.50 24.94
C ARG A 393 20.61 -6.27 26.43
N ARG A 394 21.42 -5.27 26.78
CA ARG A 394 21.63 -4.87 28.17
C ARG A 394 20.78 -3.63 28.46
N HIS A 395 19.49 -3.87 28.72
CA HIS A 395 18.54 -2.79 28.93
C HIS A 395 17.52 -3.25 29.97
N GLY A 396 17.00 -2.30 30.76
CA GLY A 396 15.94 -2.59 31.70
C GLY A 396 14.59 -2.65 31.01
N LEU A 397 14.59 -2.50 29.68
CA LEU A 397 13.39 -2.59 28.87
C LEU A 397 13.56 -3.62 27.76
N LEU A 398 14.02 -4.82 28.10
CA LEU A 398 14.37 -5.90 27.17
C LEU A 398 13.26 -6.13 26.14
N PRO A 399 13.61 -6.21 24.86
CA PRO A 399 12.58 -6.37 23.83
C PRO A 399 12.33 -7.82 23.44
N SER A 400 11.07 -8.14 23.18
CA SER A 400 10.68 -9.42 22.58
C SER A 400 9.83 -9.14 21.35
N SER A 401 9.66 -10.16 20.50
CA SER A 401 8.87 -10.02 19.28
C SER A 401 7.48 -9.48 19.59
N LEU A 402 6.78 -10.13 20.51
CA LEU A 402 5.47 -9.66 20.92
C LEU A 402 5.54 -8.27 21.58
N LYS A 403 6.57 -8.02 22.40
CA LYS A 403 6.71 -6.70 23.01
C LYS A 403 7.00 -5.63 21.98
N ARG A 404 7.78 -5.95 20.94
CA ARG A 404 8.02 -4.99 19.88
C ARG A 404 6.76 -4.72 19.08
N ILE A 405 5.96 -5.75 18.81
CA ILE A 405 4.67 -5.55 18.16
C ILE A 405 3.77 -4.67 19.01
N ALA A 406 3.77 -4.87 20.32
CA ALA A 406 3.00 -4.04 21.23
C ALA A 406 3.47 -2.59 21.24
N VAL A 407 4.79 -2.37 21.21
CA VAL A 407 5.34 -1.02 21.14
C VAL A 407 4.93 -0.34 19.83
N GLY A 408 4.96 -1.07 18.73
CA GLY A 408 4.51 -0.51 17.46
C GLY A 408 3.03 -0.16 17.49
N MET A 409 2.22 -1.02 18.08
CA MET A 409 0.79 -0.73 18.21
C MET A 409 0.55 0.49 19.08
N PHE A 410 1.31 0.64 20.17
CA PHE A 410 1.16 1.83 21.01
C PHE A 410 1.57 3.08 20.26
N PHE A 411 2.65 3.01 19.47
CA PHE A 411 3.08 4.14 18.67
C PHE A 411 2.03 4.53 17.64
N VAL A 412 1.40 3.55 16.99
CA VAL A 412 0.40 3.88 16.00
C VAL A 412 -0.88 4.40 16.66
N MET A 413 -1.17 3.94 17.88
CA MET A 413 -2.28 4.53 18.64
C MET A 413 -2.01 6.00 18.95
N CYS A 414 -0.78 6.30 19.37
CA CYS A 414 -0.41 7.69 19.63
C CYS A 414 -0.50 8.54 18.36
N SER A 415 -0.09 7.98 17.22
CA SER A 415 -0.18 8.72 15.97
C SER A 415 -1.63 8.98 15.59
N ALA A 416 -2.49 7.98 15.77
CA ALA A 416 -3.92 8.17 15.50
C ALA A 416 -4.55 9.19 16.45
N PHE A 417 -4.18 9.18 17.72
CA PHE A 417 -4.63 10.21 18.64
C PHE A 417 -4.19 11.60 18.20
N ALA A 418 -2.93 11.73 17.77
CA ALA A 418 -2.43 13.02 17.29
C ALA A 418 -3.21 13.47 16.06
N ALA A 419 -3.52 12.54 15.15
CA ALA A 419 -4.30 12.86 13.97
C ALA A 419 -5.72 13.30 14.34
N GLY A 420 -6.30 12.65 15.34
CA GLY A 420 -7.62 13.04 15.81
C GLY A 420 -7.63 14.45 16.37
N ILE A 421 -6.64 14.75 17.20
CA ILE A 421 -6.54 16.11 17.75
C ILE A 421 -6.30 17.11 16.63
N LEU A 422 -5.51 16.74 15.63
CA LEU A 422 -5.22 17.63 14.52
C LEU A 422 -6.49 17.93 13.72
N GLU A 423 -7.30 16.90 13.44
CA GLU A 423 -8.56 17.11 12.75
C GLU A 423 -9.55 17.93 13.57
N SER A 424 -9.58 17.71 14.89
CA SER A 424 -10.45 18.52 15.74
C SER A 424 -10.05 19.98 15.69
N LYS A 425 -8.75 20.26 15.81
CA LYS A 425 -8.26 21.63 15.70
C LYS A 425 -8.51 22.23 14.33
N ARG A 426 -8.38 21.42 13.26
CA ARG A 426 -8.66 21.88 11.92
C ARG A 426 -10.12 22.30 11.77
N LEU A 427 -11.02 21.49 12.32
CA LEU A 427 -12.44 21.86 12.30
C LEU A 427 -12.70 23.13 13.10
N ASN A 428 -12.12 23.23 14.30
CA ASN A 428 -12.32 24.41 15.12
C ASN A 428 -11.79 25.67 14.43
N LEU A 429 -10.72 25.51 13.64
CA LEU A 429 -10.16 26.66 12.94
C LEU A 429 -10.97 27.03 11.70
N VAL A 430 -11.43 26.03 10.95
CA VAL A 430 -12.18 26.32 9.73
C VAL A 430 -13.58 26.84 10.08
N LYS A 431 -14.04 26.56 11.31
CA LYS A 431 -15.31 27.12 11.77
C LYS A 431 -15.27 28.64 11.80
N GLU A 432 -14.07 29.21 11.88
CA GLU A 432 -13.90 30.67 11.94
C GLU A 432 -13.71 31.26 10.54
N LYS A 433 -12.69 30.81 9.83
CA LYS A 433 -12.38 31.37 8.51
C LYS A 433 -11.99 30.24 7.58
N THR A 434 -11.76 30.55 6.31
CA THR A 434 -11.47 29.53 5.30
C THR A 434 -10.65 30.21 4.19
N ILE A 435 -9.69 29.46 3.66
CA ILE A 435 -8.86 29.93 2.56
C ILE A 435 -9.09 29.00 1.37
N ASN A 436 -8.57 29.38 0.20
CA ASN A 436 -8.79 28.60 -1.01
C ASN A 436 -7.49 28.29 -1.73
N GLN A 437 -6.90 27.13 -1.44
CA GLN A 437 -5.69 26.67 -2.11
C GLN A 437 -6.09 25.65 -3.17
N THR A 438 -5.75 25.92 -4.43
CA THR A 438 -6.15 25.06 -5.52
C THR A 438 -5.15 23.95 -5.77
N ILE A 439 -5.19 22.89 -4.95
CA ILE A 439 -4.34 21.73 -5.16
C ILE A 439 -4.89 20.96 -6.36
N GLY A 440 -4.01 20.61 -7.29
CA GLY A 440 -4.43 19.93 -8.49
C GLY A 440 -5.19 20.85 -9.43
N ASN A 441 -6.36 20.41 -9.91
CA ASN A 441 -7.17 21.20 -10.82
C ASN A 441 -8.50 21.63 -10.22
N VAL A 442 -8.74 21.33 -8.94
CA VAL A 442 -9.96 21.70 -8.25
C VAL A 442 -9.59 22.36 -6.93
N VAL A 443 -10.40 23.32 -6.50
CA VAL A 443 -10.13 24.09 -5.29
C VAL A 443 -10.47 23.24 -4.07
N TYR A 444 -9.75 23.45 -2.97
CA TYR A 444 -10.02 22.75 -1.72
C TYR A 444 -10.07 23.74 -0.56
N HIS A 445 -11.24 23.92 0.04
CA HIS A 445 -11.38 24.80 1.20
C HIS A 445 -10.56 24.28 2.37
N ALA A 446 -9.69 25.13 2.90
CA ALA A 446 -8.79 24.75 3.97
C ALA A 446 -8.71 25.86 5.00
N ALA A 447 -8.06 25.56 6.12
CA ALA A 447 -7.88 26.50 7.22
C ALA A 447 -6.41 26.88 7.30
N ASP A 448 -6.11 27.96 8.03
CA ASP A 448 -4.75 28.44 8.16
C ASP A 448 -3.96 27.59 9.14
N LEU A 449 -3.64 26.36 8.76
CA LEU A 449 -2.85 25.46 9.60
C LEU A 449 -1.97 24.61 8.69
N SER A 450 -0.67 24.87 8.71
CA SER A 450 0.24 24.18 7.82
C SER A 450 0.24 22.67 8.07
N LEU A 451 0.55 21.91 7.02
CA LEU A 451 0.55 20.45 7.12
C LEU A 451 1.74 19.91 7.87
N TRP A 452 2.67 20.76 8.32
CA TRP A 452 3.83 20.31 9.07
C TRP A 452 3.45 19.69 10.42
N TRP A 453 2.19 19.77 10.82
CA TRP A 453 1.73 19.11 12.04
C TRP A 453 1.40 17.64 11.79
N GLN A 454 1.30 17.23 10.52
CA GLN A 454 1.14 15.83 10.17
C GLN A 454 2.46 15.07 10.23
N VAL A 455 3.59 15.77 10.24
CA VAL A 455 4.91 15.14 10.28
C VAL A 455 5.10 14.35 11.58
N PRO A 456 4.66 14.85 12.75
CA PRO A 456 4.76 14.00 13.96
C PRO A 456 4.07 12.65 13.83
N GLN A 457 2.81 12.66 13.39
CA GLN A 457 2.07 11.41 13.30
C GLN A 457 2.64 10.52 12.20
N TYR A 458 3.14 11.13 11.12
CA TYR A 458 3.80 10.35 10.08
C TYR A 458 5.06 9.67 10.60
N LEU A 459 5.87 10.39 11.39
CA LEU A 459 7.07 9.78 11.96
C LEU A 459 6.71 8.66 12.92
N LEU A 460 5.69 8.87 13.75
CA LEU A 460 5.24 7.81 14.66
C LEU A 460 4.78 6.59 13.88
N ILE A 461 4.02 6.80 12.81
CA ILE A 461 3.53 5.67 12.01
C ILE A 461 4.68 4.97 11.31
N GLY A 462 5.71 5.70 10.90
CA GLY A 462 6.86 5.07 10.28
C GLY A 462 7.66 4.21 11.24
N ILE A 463 7.96 4.75 12.42
CA ILE A 463 8.71 3.96 13.40
C ILE A 463 7.88 2.76 13.86
N SER A 464 6.56 2.94 13.95
CA SER A 464 5.68 1.83 14.30
C SER A 464 5.67 0.79 13.19
N GLU A 465 5.69 1.23 11.93
CA GLU A 465 5.80 0.35 10.77
C GLU A 465 7.03 -0.54 10.94
N ILE A 466 8.18 0.09 11.13
CA ILE A 466 9.43 -0.65 11.32
C ILE A 466 9.24 -1.69 12.43
N PHE A 467 8.95 -1.20 13.64
CA PHE A 467 8.90 -2.07 14.82
C PHE A 467 7.92 -3.22 14.62
N ALA A 468 6.65 -2.90 14.43
CA ALA A 468 5.58 -3.90 14.33
C ALA A 468 5.81 -4.88 13.19
N SER A 469 6.05 -4.39 11.97
CA SER A 469 6.18 -5.29 10.84
C SER A 469 7.39 -6.20 10.97
N ILE A 470 8.55 -5.64 11.37
CA ILE A 470 9.75 -6.47 11.47
C ILE A 470 9.59 -7.50 12.58
N ALA A 471 9.00 -7.09 13.72
CA ALA A 471 8.81 -8.05 14.81
C ALA A 471 7.82 -9.14 14.42
N GLY A 472 6.75 -8.79 13.72
CA GLY A 472 5.77 -9.75 13.28
C GLY A 472 6.37 -10.76 12.32
N LEU A 473 7.16 -10.28 11.36
CA LEU A 473 7.82 -11.19 10.42
C LEU A 473 8.84 -12.09 11.12
N GLU A 474 9.61 -11.53 12.06
CA GLU A 474 10.56 -12.35 12.80
C GLU A 474 9.84 -13.46 13.57
N PHE A 475 8.77 -13.10 14.29
CA PHE A 475 8.04 -14.11 15.06
C PHE A 475 7.41 -15.15 14.14
N ALA A 476 6.81 -14.70 13.04
CA ALA A 476 6.16 -15.62 12.11
C ALA A 476 7.15 -16.61 11.53
N TYR A 477 8.33 -16.13 11.14
CA TYR A 477 9.32 -17.02 10.51
C TYR A 477 9.99 -17.91 11.54
N SER A 478 10.25 -17.41 12.74
CA SER A 478 10.90 -18.20 13.78
C SER A 478 9.94 -19.22 14.39
N ALA A 479 8.63 -19.02 14.20
CA ALA A 479 7.63 -19.92 14.75
C ALA A 479 6.89 -20.67 13.66
N ALA A 480 7.60 -21.07 12.61
CA ALA A 480 7.00 -21.79 11.49
C ALA A 480 8.08 -22.63 10.84
N PRO A 481 7.70 -23.75 10.20
CA PRO A 481 8.69 -24.56 9.49
C PRO A 481 9.25 -23.83 8.28
N LYS A 482 10.25 -24.45 7.67
CA LYS A 482 10.96 -23.83 6.54
C LYS A 482 10.08 -23.77 5.30
N SER A 483 9.41 -24.88 4.98
CA SER A 483 8.61 -24.97 3.76
C SER A 483 7.42 -24.02 3.78
N MET A 484 6.87 -23.77 4.97
CA MET A 484 5.67 -22.96 5.08
C MET A 484 5.98 -21.46 5.07
N GLN A 485 7.19 -21.08 4.66
CA GLN A 485 7.54 -19.66 4.63
C GLN A 485 6.70 -18.92 3.58
N SER A 486 6.50 -19.54 2.41
CA SER A 486 5.64 -18.94 1.40
C SER A 486 4.19 -18.88 1.88
N ALA A 487 3.75 -19.92 2.59
CA ALA A 487 2.38 -19.93 3.11
C ALA A 487 2.16 -18.81 4.12
N ILE A 488 3.12 -18.60 5.02
CA ILE A 488 2.96 -17.55 6.02
C ILE A 488 3.11 -16.17 5.40
N MET A 489 3.93 -16.03 4.34
CA MET A 489 4.00 -14.76 3.64
C MET A 489 2.68 -14.44 2.94
N GLY A 490 2.10 -15.44 2.28
CA GLY A 490 0.80 -15.29 1.66
C GLY A 490 -0.28 -14.94 2.66
N LEU A 491 -0.28 -15.62 3.80
CA LEU A 491 -1.24 -15.30 4.85
C LEU A 491 -1.03 -13.91 5.43
N PHE A 492 0.23 -13.45 5.53
CA PHE A 492 0.52 -12.09 5.97
C PHE A 492 -0.10 -11.07 5.02
N PHE A 493 0.18 -11.21 3.73
CA PHE A 493 -0.41 -10.28 2.76
C PHE A 493 -1.93 -10.38 2.74
N PHE A 494 -2.47 -11.59 2.90
CA PHE A 494 -3.90 -11.78 2.95
C PHE A 494 -4.53 -11.04 4.13
N PHE A 495 -3.92 -11.15 5.30
CA PHE A 495 -4.45 -10.46 6.48
C PHE A 495 -4.27 -8.96 6.38
N SER A 496 -3.21 -8.49 5.69
CA SER A 496 -3.11 -7.07 5.41
C SER A 496 -4.24 -6.58 4.50
N GLY A 497 -4.57 -7.35 3.47
CA GLY A 497 -5.72 -7.02 2.64
C GLY A 497 -7.02 -7.04 3.41
N VAL A 498 -7.14 -8.00 4.33
CA VAL A 498 -8.31 -8.10 5.20
C VAL A 498 -8.40 -6.84 6.07
N GLY A 499 -7.25 -6.35 6.54
CA GLY A 499 -7.21 -5.12 7.31
C GLY A 499 -7.67 -3.92 6.52
N SER A 500 -7.17 -3.80 5.28
CA SER A 500 -7.63 -2.74 4.40
C SER A 500 -9.13 -2.82 4.15
N PHE A 501 -9.66 -4.02 3.91
CA PHE A 501 -11.10 -4.19 3.70
C PHE A 501 -11.90 -3.81 4.95
N VAL A 502 -11.42 -4.18 6.13
CA VAL A 502 -12.08 -3.81 7.38
C VAL A 502 -12.06 -2.30 7.56
N GLY A 503 -10.97 -1.65 7.18
CA GLY A 503 -10.90 -0.20 7.24
C GLY A 503 -11.92 0.46 6.33
N SER A 504 -11.99 -0.01 5.08
CA SER A 504 -12.96 0.51 4.12
C SER A 504 -14.38 0.30 4.63
N GLY A 505 -14.64 -0.86 5.23
CA GLY A 505 -15.94 -1.16 5.79
C GLY A 505 -16.30 -0.26 6.95
N LEU A 506 -15.34 0.00 7.83
CA LEU A 506 -15.55 0.89 8.96
C LEU A 506 -15.84 2.30 8.46
N LEU A 507 -15.15 2.72 7.40
CA LEU A 507 -15.41 4.02 6.80
C LEU A 507 -16.82 4.08 6.23
N ALA A 508 -17.24 3.02 5.53
CA ALA A 508 -18.58 2.93 4.98
C ALA A 508 -19.62 3.00 6.10
N LEU A 509 -19.33 2.37 7.23
CA LEU A 509 -20.25 2.30 8.36
C LEU A 509 -20.36 3.65 9.07
N VAL A 510 -19.25 4.37 9.20
CA VAL A 510 -19.27 5.65 9.91
C VAL A 510 -19.88 6.71 8.98
N SER A 511 -19.78 6.49 7.67
CA SER A 511 -20.28 7.48 6.71
C SER A 511 -21.78 7.37 6.50
N ILE A 512 -22.32 6.14 6.54
CA ILE A 512 -23.72 5.90 6.20
C ILE A 512 -24.63 6.64 7.19
N LYS A 513 -25.80 7.06 6.71
CA LYS A 513 -26.76 7.84 7.47
C LYS A 513 -27.49 7.03 8.55
N ALA A 514 -27.30 5.70 8.57
CA ALA A 514 -28.00 4.85 9.54
C ALA A 514 -27.85 5.39 10.96
N ILE A 515 -26.61 5.48 11.45
CA ILE A 515 -26.31 6.22 12.66
C ILE A 515 -25.61 7.54 12.33
N GLY A 516 -24.52 7.50 11.59
CA GLY A 516 -23.91 8.68 11.02
C GLY A 516 -23.05 9.49 11.98
N TRP A 517 -21.83 9.78 11.55
CA TRP A 517 -20.96 10.72 12.26
C TRP A 517 -20.44 11.84 11.37
N MET A 518 -20.30 11.64 10.06
CA MET A 518 -19.89 12.70 9.14
C MET A 518 -20.52 12.41 7.77
N SER A 519 -21.70 12.99 7.55
CA SER A 519 -22.35 12.88 6.25
C SER A 519 -22.50 14.24 5.57
N SER A 520 -23.18 15.19 6.20
CA SER A 520 -23.37 16.56 5.71
C SER A 520 -24.01 16.61 4.32
N HIS A 521 -24.45 15.48 3.78
CA HIS A 521 -25.05 15.36 2.45
C HIS A 521 -24.09 15.77 1.34
N THR A 522 -22.88 16.20 1.70
CA THR A 522 -21.87 16.65 0.75
C THR A 522 -20.50 16.33 1.37
N ASP A 523 -19.82 15.32 0.82
CA ASP A 523 -18.52 14.91 1.31
C ASP A 523 -17.43 15.05 0.24
N PHE A 524 -17.77 15.62 -0.91
CA PHE A 524 -16.83 15.74 -2.01
C PHE A 524 -15.75 16.79 -1.74
N GLY A 525 -16.16 17.98 -1.29
CA GLY A 525 -15.21 19.02 -0.93
C GLY A 525 -15.60 19.73 0.34
N ASN A 526 -16.77 19.39 0.89
CA ASN A 526 -17.30 20.02 2.09
C ASN A 526 -17.00 19.21 3.35
N ILE A 527 -15.89 18.45 3.37
CA ILE A 527 -15.54 17.69 4.55
C ILE A 527 -15.06 18.59 5.70
N ASN A 528 -14.85 19.87 5.44
CA ASN A 528 -14.46 20.81 6.48
C ASN A 528 -15.54 21.01 7.54
N GLY A 529 -16.75 20.48 7.31
CA GLY A 529 -17.79 20.51 8.32
C GLY A 529 -18.09 19.12 8.84
N CYS A 530 -17.47 18.12 8.22
CA CYS A 530 -17.67 16.73 8.61
C CYS A 530 -16.76 16.36 9.78
N TYR A 531 -17.22 15.41 10.58
CA TYR A 531 -16.49 14.98 11.78
C TYR A 531 -15.67 13.72 11.49
N LEU A 532 -14.52 13.92 10.84
CA LEU A 532 -13.62 12.82 10.54
C LEU A 532 -12.79 12.44 11.76
N ASN A 533 -12.60 13.39 12.67
CA ASN A 533 -11.83 13.11 13.88
C ASN A 533 -12.52 12.08 14.75
N TYR A 534 -13.85 12.01 14.71
CA TYR A 534 -14.56 10.95 15.41
C TYR A 534 -14.22 9.57 14.85
N TYR A 535 -14.14 9.45 13.53
CA TYR A 535 -13.75 8.17 12.93
C TYR A 535 -12.28 7.84 13.25
N PHE A 536 -11.42 8.86 13.23
CA PHE A 536 -10.03 8.63 13.63
C PHE A 536 -9.92 8.15 15.06
N PHE A 537 -10.71 8.74 15.98
CA PHE A 537 -10.69 8.31 17.37
C PHE A 537 -11.29 6.92 17.53
N LEU A 538 -12.29 6.58 16.72
CA LEU A 538 -12.84 5.22 16.75
C LEU A 538 -11.78 4.20 16.33
N LEU A 539 -11.05 4.49 15.25
CA LEU A 539 -9.97 3.62 14.84
C LEU A 539 -8.87 3.53 15.89
N ALA A 540 -8.53 4.65 16.54
CA ALA A 540 -7.53 4.63 17.60
C ALA A 540 -8.00 3.78 18.77
N ALA A 541 -9.29 3.86 19.12
CA ALA A 541 -9.84 3.04 20.19
C ALA A 541 -9.83 1.57 19.84
N ILE A 542 -10.15 1.21 18.59
CA ILE A 542 -10.07 -0.19 18.17
C ILE A 542 -8.63 -0.68 18.27
N GLN A 543 -7.68 0.13 17.80
CA GLN A 543 -6.28 -0.26 17.90
C GLN A 543 -5.84 -0.44 19.35
N GLY A 544 -6.29 0.44 20.23
CA GLY A 544 -5.94 0.31 21.64
C GLY A 544 -6.56 -0.91 22.28
N ALA A 545 -7.78 -1.25 21.87
CA ALA A 545 -8.41 -2.46 22.39
C ALA A 545 -7.65 -3.70 21.94
N THR A 546 -7.24 -3.75 20.67
CA THR A 546 -6.44 -4.88 20.21
C THR A 546 -5.09 -4.93 20.92
N LEU A 547 -4.49 -3.77 21.18
CA LEU A 547 -3.22 -3.75 21.91
C LEU A 547 -3.40 -4.28 23.33
N LEU A 548 -4.46 -3.88 24.01
CA LEU A 548 -4.74 -4.38 25.34
C LEU A 548 -5.00 -5.87 25.34
N LEU A 549 -5.75 -6.37 24.36
CA LEU A 549 -5.99 -7.80 24.25
C LEU A 549 -4.70 -8.57 24.01
N PHE A 550 -3.82 -8.05 23.14
CA PHE A 550 -2.52 -8.68 22.94
C PHE A 550 -1.69 -8.67 24.21
N LEU A 551 -1.77 -7.59 24.99
CA LEU A 551 -1.06 -7.54 26.26
C LEU A 551 -1.58 -8.61 27.22
N ILE A 552 -2.90 -8.76 27.32
CA ILE A 552 -3.48 -9.81 28.17
C ILE A 552 -3.12 -11.21 27.72
N ILE A 553 -3.13 -11.48 26.42
CA ILE A 553 -2.70 -12.78 25.92
C ILE A 553 -1.21 -13.00 26.21
N SER A 554 -0.42 -11.92 26.20
CA SER A 554 0.99 -12.05 26.51
C SER A 554 1.23 -12.49 27.95
N VAL A 555 0.30 -12.15 28.86
CA VAL A 555 0.42 -12.53 30.27
C VAL A 555 0.20 -14.03 30.41
N LYS A 556 -0.91 -14.53 29.85
CA LYS A 556 -1.30 -15.92 29.98
C LYS A 556 -0.49 -16.86 29.07
N TYR A 557 0.53 -16.34 28.38
CA TYR A 557 1.37 -17.17 27.53
C TYR A 557 2.83 -17.05 27.92
N MET B 1 4.16 -2.12 3.96
CA MET B 1 4.07 -1.80 2.54
C MET B 1 5.39 -1.26 2.01
N LEU B 2 5.90 -0.22 2.67
CA LEU B 2 7.15 0.42 2.25
C LEU B 2 8.36 -0.41 2.65
N SER B 3 8.15 -1.43 3.47
CA SER B 3 9.25 -2.24 3.97
C SER B 3 9.33 -3.63 3.35
N GLU B 4 8.53 -3.80 2.29
CA GLU B 4 8.55 -5.08 1.58
C GLU B 4 10.01 -5.35 1.41
N GLY B 5 10.77 -4.27 1.51
CA GLY B 5 12.20 -4.51 1.44
C GLY B 5 12.66 -5.41 2.55
N TYR B 6 12.85 -4.80 3.68
CA TYR B 6 13.46 -5.68 4.67
C TYR B 6 12.62 -6.93 4.80
N LEU B 7 11.44 -7.06 4.20
CA LEU B 7 10.69 -8.32 4.49
C LEU B 7 11.17 -9.48 3.59
N SER B 8 11.19 -9.31 2.29
CA SER B 8 11.81 -10.37 1.49
C SER B 8 13.15 -10.62 2.15
N GLY B 9 13.60 -9.54 2.75
CA GLY B 9 14.96 -9.70 3.28
C GLY B 9 15.05 -10.68 4.40
N LEU B 10 14.29 -10.46 5.46
CA LEU B 10 14.28 -11.42 6.54
C LEU B 10 14.34 -12.69 5.78
N GLU B 11 13.32 -12.87 5.00
CA GLU B 11 13.30 -14.19 4.33
C GLU B 11 14.70 -14.71 4.06
N TYR B 12 15.37 -14.18 3.04
CA TYR B 12 16.68 -14.84 2.70
C TYR B 12 17.85 -14.59 3.65
N TRP B 13 18.08 -13.39 4.18
CA TRP B 13 19.17 -13.22 5.17
C TRP B 13 19.07 -14.51 5.96
N ASN B 14 17.84 -14.83 6.29
CA ASN B 14 17.62 -16.03 7.11
C ASN B 14 18.67 -17.08 6.74
#